data_2OGK
#
_entry.id   2OGK
#
_cell.length_a   38.430
_cell.length_b   156.300
_cell.length_c   174.740
_cell.angle_alpha   90.00
_cell.angle_beta   90.00
_cell.angle_gamma   90.00
#
_symmetry.space_group_name_H-M   'P 21 21 21'
#
loop_
_entity.id
_entity.type
_entity.pdbx_description
1 polymer 'Hypothetical protein'
2 water water
#
_entity_poly.entity_id   1
_entity_poly.type   'polypeptide(L)'
_entity_poly.pdbx_seq_one_letter_code
;SLKGKIEWVRVSAVVHSTEDREKVGEAISTLFPFEFEIAVSKAKGHYGNPMEYLEVELTKSSEIKKFWKNLLELLGEQAE
EILSTLEDRIDEQNVLHIRIDKQKAYLGEVSLTSGGDPIAVKLRLVTYPSKREKVIEFARELCTIS
;
_entity_poly.pdbx_strand_id   A,B,C,D
#
# COMPACT_ATOMS: atom_id res chain seq x y z
N GLY A 4 -17.62 40.08 -16.84
CA GLY A 4 -17.14 38.95 -15.96
C GLY A 4 -15.65 38.98 -15.68
N LYS A 5 -15.11 37.89 -15.15
CA LYS A 5 -13.69 37.82 -14.86
C LYS A 5 -13.11 36.46 -15.20
N ILE A 6 -11.78 36.33 -15.13
CA ILE A 6 -11.09 35.07 -15.37
C ILE A 6 -10.75 34.48 -13.99
N GLU A 7 -11.58 33.58 -13.48
CA GLU A 7 -11.32 32.97 -12.17
C GLU A 7 -9.87 32.49 -12.01
N TRP A 8 -9.39 31.71 -12.97
CA TRP A 8 -8.00 31.22 -12.97
C TRP A 8 -7.49 30.84 -14.36
N VAL A 9 -6.19 30.55 -14.39
CA VAL A 9 -5.52 30.14 -15.62
C VAL A 9 -4.69 28.89 -15.32
N ARG A 10 -4.89 27.83 -16.08
CA ARG A 10 -4.11 26.62 -15.86
C ARG A 10 -3.37 26.20 -17.12
N VAL A 11 -2.06 26.08 -17.01
CA VAL A 11 -1.25 25.65 -18.14
C VAL A 11 -0.62 24.29 -17.79
N SER A 12 -0.71 23.35 -18.72
CA SER A 12 -0.12 22.04 -18.47
C SER A 12 0.40 21.38 -19.75
N ALA A 13 1.21 20.34 -19.55
CA ALA A 13 1.79 19.57 -20.64
C ALA A 13 2.13 18.20 -20.09
N VAL A 14 2.36 17.26 -21.01
CA VAL A 14 2.71 15.88 -20.72
C VAL A 14 4.16 15.57 -21.12
N VAL A 15 4.81 14.70 -20.35
CA VAL A 15 6.17 14.28 -20.67
C VAL A 15 6.18 12.78 -20.90
N HIS A 16 6.64 12.38 -22.08
CA HIS A 16 6.71 10.97 -22.45
C HIS A 16 8.08 10.41 -22.12
N SER A 17 8.14 9.09 -22.00
CA SER A 17 9.37 8.38 -21.69
C SER A 17 10.58 8.78 -22.53
N THR A 18 10.36 9.02 -23.82
CA THR A 18 11.46 9.41 -24.69
C THR A 18 11.65 10.92 -24.66
N GLU A 19 10.86 11.58 -23.81
CA GLU A 19 10.90 13.04 -23.69
C GLU A 19 11.68 13.53 -22.49
N ASP A 20 12.32 14.70 -22.65
CA ASP A 20 13.09 15.30 -21.58
C ASP A 20 12.30 16.39 -20.84
N ARG A 21 11.95 16.11 -19.59
CA ARG A 21 11.18 17.01 -18.73
C ARG A 21 11.63 18.45 -18.73
N GLU A 22 12.95 18.65 -18.63
CA GLU A 22 13.48 19.99 -18.62
C GLU A 22 13.08 20.64 -19.92
N LYS A 23 13.06 19.85 -20.99
CA LYS A 23 12.71 20.38 -22.30
C LYS A 23 11.22 20.68 -22.43
N VAL A 24 10.39 19.84 -21.83
CA VAL A 24 8.97 20.08 -21.89
C VAL A 24 8.61 21.30 -21.04
N GLY A 25 9.43 21.58 -20.02
CA GLY A 25 9.19 22.73 -19.17
C GLY A 25 9.68 24.01 -19.82
N GLU A 26 10.71 23.89 -20.66
CA GLU A 26 11.26 25.04 -21.36
C GLU A 26 10.21 25.51 -22.37
N ALA A 27 9.51 24.54 -22.95
CA ALA A 27 8.46 24.81 -23.93
C ALA A 27 7.35 25.58 -23.23
N ILE A 28 7.13 25.25 -21.95
CA ILE A 28 6.09 25.91 -21.17
C ILE A 28 6.45 27.35 -20.74
N SER A 29 7.66 27.55 -20.25
CA SER A 29 8.10 28.88 -19.85
C SER A 29 7.99 29.90 -20.99
N THR A 30 7.67 29.42 -22.19
CA THR A 30 7.54 30.32 -23.33
C THR A 30 6.28 31.17 -23.18
N LEU A 31 5.29 30.66 -22.46
CA LEU A 31 4.03 31.36 -22.27
C LEU A 31 3.99 32.28 -21.06
N PHE A 32 5.14 32.49 -20.41
CA PHE A 32 5.19 33.33 -19.21
C PHE A 32 6.14 34.51 -19.27
N PRO A 33 5.61 35.73 -19.04
CA PRO A 33 6.32 37.01 -19.04
C PRO A 33 6.73 37.37 -17.61
N PHE A 34 6.61 36.39 -16.72
CA PHE A 34 6.95 36.57 -15.32
C PHE A 34 7.16 35.20 -14.70
N GLU A 35 7.68 35.19 -13.47
CA GLU A 35 7.93 33.94 -12.76
C GLU A 35 6.66 33.17 -12.40
N PHE A 36 6.76 31.85 -12.50
CA PHE A 36 5.64 30.97 -12.21
C PHE A 36 6.27 29.68 -11.69
N GLU A 37 5.43 28.76 -11.22
CA GLU A 37 5.91 27.51 -10.67
C GLU A 37 5.32 26.28 -11.37
N ILE A 38 6.16 25.29 -11.68
CA ILE A 38 5.70 24.08 -12.35
C ILE A 38 5.61 22.93 -11.36
N ALA A 39 4.49 22.21 -11.36
CA ALA A 39 4.34 21.04 -10.48
C ALA A 39 4.52 19.76 -11.28
N VAL A 40 5.50 18.93 -10.90
CA VAL A 40 5.77 17.66 -11.59
C VAL A 40 5.06 16.48 -10.90
N SER A 41 4.23 15.74 -11.62
CA SER A 41 3.54 14.60 -11.02
C SER A 41 3.71 13.39 -11.94
N LYS A 42 3.25 12.21 -11.52
CA LYS A 42 3.36 11.00 -12.33
C LYS A 42 2.00 10.48 -12.73
N MET A 51 5.55 8.71 -18.17
CA MET A 51 4.36 9.53 -18.25
C MET A 51 4.07 10.40 -17.01
N GLU A 52 4.53 11.64 -17.06
CA GLU A 52 4.32 12.58 -15.99
C GLU A 52 3.70 13.89 -16.51
N TYR A 53 3.18 14.68 -15.58
CA TYR A 53 2.56 15.94 -15.91
C TYR A 53 3.33 17.12 -15.34
N LEU A 54 3.25 18.23 -16.07
CA LEU A 54 3.85 19.49 -15.67
C LEU A 54 2.62 20.37 -15.59
N GLU A 55 2.40 20.97 -14.43
CA GLU A 55 1.23 21.79 -14.23
C GLU A 55 1.50 23.16 -13.65
N VAL A 56 0.93 24.19 -14.27
CA VAL A 56 1.07 25.55 -13.79
C VAL A 56 -0.33 26.14 -13.55
N GLU A 57 -0.46 26.98 -12.53
CA GLU A 57 -1.75 27.63 -12.24
C GLU A 57 -1.55 29.13 -12.01
N LEU A 58 -2.62 29.89 -12.20
CA LEU A 58 -2.57 31.34 -12.01
C LEU A 58 -3.84 31.76 -11.29
N THR A 59 -3.67 32.39 -10.13
CA THR A 59 -4.80 32.85 -9.34
C THR A 59 -4.76 34.37 -9.10
N LYS A 60 -3.55 34.94 -8.95
CA LYS A 60 -3.41 36.38 -8.74
C LYS A 60 -3.87 37.11 -10.01
N SER A 61 -5.03 37.76 -9.91
CA SER A 61 -5.60 38.51 -11.04
C SER A 61 -4.58 39.30 -11.84
N SER A 62 -3.59 39.88 -11.15
CA SER A 62 -2.55 40.64 -11.84
C SER A 62 -1.90 39.73 -12.89
N GLU A 63 -1.37 38.59 -12.45
CA GLU A 63 -0.71 37.63 -13.32
C GLU A 63 -1.66 37.09 -14.39
N ILE A 64 -2.89 36.79 -13.99
CA ILE A 64 -3.87 36.30 -14.95
C ILE A 64 -4.06 37.34 -16.06
N LYS A 65 -4.37 38.56 -15.64
CA LYS A 65 -4.56 39.67 -16.56
C LYS A 65 -3.33 39.90 -17.43
N LYS A 66 -2.14 39.82 -16.82
CA LYS A 66 -0.89 40.03 -17.53
C LYS A 66 -0.48 38.85 -18.44
N PHE A 67 -0.77 37.64 -17.98
CA PHE A 67 -0.47 36.44 -18.75
C PHE A 67 -1.26 36.48 -20.05
N TRP A 68 -2.56 36.69 -19.89
CA TRP A 68 -3.49 36.74 -21.00
C TRP A 68 -3.17 37.77 -22.08
N LYS A 69 -2.98 39.03 -21.68
CA LYS A 69 -2.67 40.09 -22.64
C LYS A 69 -1.44 39.72 -23.45
N ASN A 70 -0.50 39.07 -22.77
CA ASN A 70 0.75 38.63 -23.37
C ASN A 70 0.55 37.49 -24.37
N LEU A 71 -0.36 36.58 -24.03
CA LEU A 71 -0.66 35.42 -24.87
C LEU A 71 -1.30 35.87 -26.16
N LEU A 72 -2.23 36.82 -26.09
CA LEU A 72 -2.90 37.33 -27.29
C LEU A 72 -1.87 38.04 -28.15
N GLU A 73 -0.97 38.75 -27.48
CA GLU A 73 0.08 39.46 -28.19
C GLU A 73 0.99 38.52 -28.94
N LEU A 74 1.33 37.40 -28.31
CA LEU A 74 2.22 36.42 -28.91
C LEU A 74 1.51 35.55 -29.94
N LEU A 75 0.18 35.52 -29.87
CA LEU A 75 -0.58 34.72 -30.83
C LEU A 75 -0.75 35.49 -32.12
N GLY A 76 -0.94 36.80 -31.99
CA GLY A 76 -1.11 37.64 -33.15
C GLY A 76 -2.36 37.33 -33.95
N GLU A 77 -2.18 37.02 -35.22
CA GLU A 77 -3.29 36.70 -36.11
C GLU A 77 -4.12 35.50 -35.68
N GLN A 78 -3.48 34.59 -34.94
CA GLN A 78 -4.15 33.38 -34.46
C GLN A 78 -5.18 33.71 -33.39
N ALA A 79 -5.06 34.91 -32.82
CA ALA A 79 -5.99 35.36 -31.78
C ALA A 79 -7.38 35.48 -32.42
N GLU A 80 -7.39 35.73 -33.73
CA GLU A 80 -8.62 35.87 -34.50
C GLU A 80 -9.28 34.50 -34.74
N GLU A 81 -8.48 33.44 -34.82
CA GLU A 81 -9.02 32.11 -35.04
C GLU A 81 -9.65 31.50 -33.78
N ILE A 82 -9.33 32.08 -32.62
CA ILE A 82 -9.90 31.60 -31.37
C ILE A 82 -11.34 32.07 -31.42
N LEU A 83 -11.50 33.38 -31.61
CA LEU A 83 -12.81 34.04 -31.71
C LEU A 83 -13.77 33.22 -32.55
N SER A 84 -13.36 32.91 -33.77
CA SER A 84 -14.20 32.13 -34.66
C SER A 84 -14.67 30.84 -33.98
N THR A 85 -13.88 30.34 -33.03
CA THR A 85 -14.25 29.07 -32.38
C THR A 85 -14.70 29.14 -30.93
N LEU A 86 -14.71 30.34 -30.34
CA LEU A 86 -15.11 30.50 -28.94
C LEU A 86 -16.19 29.53 -28.49
N GLU A 87 -17.21 29.34 -29.31
CA GLU A 87 -18.31 28.47 -28.97
C GLU A 87 -17.88 27.03 -28.72
N ASP A 88 -17.00 26.51 -29.56
CA ASP A 88 -16.56 25.14 -29.40
C ASP A 88 -15.41 24.98 -28.39
N ARG A 89 -14.75 26.09 -28.10
CA ARG A 89 -13.63 26.13 -27.17
C ARG A 89 -14.04 26.16 -25.71
N ILE A 90 -15.14 26.85 -25.43
CA ILE A 90 -15.64 26.97 -24.06
C ILE A 90 -16.54 25.81 -23.77
N ASP A 91 -16.31 25.15 -22.65
CA ASP A 91 -17.14 24.01 -22.29
C ASP A 91 -18.29 24.37 -21.35
N GLU A 92 -19.08 23.36 -21.00
CA GLU A 92 -20.22 23.58 -20.12
C GLU A 92 -19.84 24.06 -18.73
N GLN A 93 -18.54 24.15 -18.42
CA GLN A 93 -18.09 24.64 -17.12
C GLN A 93 -17.44 26.00 -17.32
N ASN A 94 -17.70 26.58 -18.49
CA ASN A 94 -17.20 27.90 -18.87
C ASN A 94 -15.69 28.02 -18.88
N VAL A 95 -15.02 26.90 -19.18
CA VAL A 95 -13.58 26.93 -19.27
C VAL A 95 -13.27 26.98 -20.75
N LEU A 96 -12.50 28.00 -21.12
CA LEU A 96 -12.08 28.23 -22.48
C LEU A 96 -10.73 27.52 -22.62
N HIS A 97 -10.67 26.64 -23.62
CA HIS A 97 -9.51 25.81 -23.93
C HIS A 97 -8.70 26.26 -25.14
N ILE A 98 -7.40 26.40 -24.94
CA ILE A 98 -6.50 26.86 -26.00
C ILE A 98 -5.28 25.95 -26.06
N ARG A 99 -5.16 25.21 -27.17
CA ARG A 99 -4.04 24.26 -27.40
C ARG A 99 -2.86 24.84 -28.14
N ILE A 100 -1.70 24.83 -27.48
CA ILE A 100 -0.45 25.37 -28.02
C ILE A 100 0.49 24.27 -28.48
N ASP A 101 1.26 24.56 -29.53
CA ASP A 101 2.24 23.62 -30.10
C ASP A 101 3.44 23.48 -29.18
N LYS A 102 3.57 22.30 -28.60
CA LYS A 102 4.65 22.01 -27.67
C LYS A 102 6.02 22.22 -28.29
N GLN A 103 6.27 21.60 -29.44
CA GLN A 103 7.54 21.72 -30.11
C GLN A 103 7.95 23.14 -30.50
N LYS A 104 7.02 23.88 -31.09
CA LYS A 104 7.30 25.27 -31.49
C LYS A 104 7.58 26.13 -30.26
N ALA A 105 6.75 25.98 -29.22
CA ALA A 105 6.92 26.75 -27.99
C ALA A 105 8.32 26.51 -27.43
N TYR A 106 8.76 25.25 -27.47
CA TYR A 106 10.08 24.89 -27.00
C TYR A 106 11.08 25.78 -27.72
N LEU A 107 10.83 25.97 -29.01
CA LEU A 107 11.68 26.80 -29.84
C LEU A 107 11.33 28.28 -29.70
N GLY A 108 10.65 28.65 -28.61
CA GLY A 108 10.29 30.04 -28.40
C GLY A 108 9.10 30.60 -29.17
N GLU A 109 8.46 29.81 -30.02
CA GLU A 109 7.31 30.31 -30.79
C GLU A 109 5.94 29.91 -30.22
N VAL A 110 5.02 30.86 -30.14
CA VAL A 110 3.67 30.59 -29.64
C VAL A 110 2.68 30.41 -30.81
N SER A 111 2.20 29.18 -30.98
CA SER A 111 1.28 28.87 -32.08
C SER A 111 0.21 27.85 -31.66
N LEU A 112 -0.97 27.95 -32.28
CA LEU A 112 -2.05 27.03 -31.97
C LEU A 112 -1.80 25.67 -32.63
N THR A 113 -2.51 24.65 -32.15
CA THR A 113 -2.37 23.31 -32.70
C THR A 113 -3.63 22.46 -32.47
N SER A 114 -3.90 21.55 -33.40
CA SER A 114 -5.06 20.68 -33.29
C SER A 114 -4.54 19.31 -32.87
N GLY A 115 -3.22 19.23 -32.70
CA GLY A 115 -2.59 17.99 -32.28
C GLY A 115 -3.09 17.52 -30.94
N GLY A 116 -2.85 16.25 -30.64
CA GLY A 116 -3.30 15.67 -29.40
C GLY A 116 -2.31 15.70 -28.24
N ASP A 117 -1.16 16.33 -28.44
CA ASP A 117 -0.17 16.43 -27.37
C ASP A 117 0.28 17.86 -27.32
N PRO A 118 -0.64 18.76 -26.98
CA PRO A 118 -0.27 20.16 -26.93
C PRO A 118 0.03 20.59 -25.51
N ILE A 119 0.32 21.89 -25.39
CA ILE A 119 0.50 22.49 -24.10
C ILE A 119 -0.90 23.09 -23.95
N ALA A 120 -1.67 22.54 -23.02
CA ALA A 120 -3.04 22.99 -22.77
C ALA A 120 -3.11 24.26 -21.92
N VAL A 121 -3.84 25.25 -22.43
CA VAL A 121 -4.06 26.49 -21.71
C VAL A 121 -5.54 26.51 -21.43
N LYS A 122 -5.91 26.66 -20.17
CA LYS A 122 -7.32 26.68 -19.80
C LYS A 122 -7.65 27.92 -18.96
N LEU A 123 -8.77 28.56 -19.30
CA LEU A 123 -9.23 29.75 -18.56
C LEU A 123 -10.64 29.61 -18.05
N ARG A 124 -10.81 29.81 -16.75
CA ARG A 124 -12.13 29.74 -16.14
C ARG A 124 -12.84 31.12 -16.20
N LEU A 125 -13.91 31.19 -16.98
CA LEU A 125 -14.65 32.42 -17.14
C LEU A 125 -15.85 32.51 -16.19
N VAL A 126 -16.07 33.69 -15.64
CA VAL A 126 -17.16 33.94 -14.71
C VAL A 126 -17.91 35.21 -15.07
N THR A 127 -19.19 35.04 -15.38
CA THR A 127 -20.05 36.15 -15.74
C THR A 127 -21.18 36.22 -14.71
N TYR A 128 -21.90 37.33 -14.71
CA TYR A 128 -22.97 37.52 -13.75
C TYR A 128 -24.38 37.70 -14.30
N PRO A 129 -25.14 36.60 -14.36
CA PRO A 129 -24.61 35.29 -13.92
C PRO A 129 -24.03 34.49 -15.11
N SER A 130 -23.56 33.27 -14.84
CA SER A 130 -22.96 32.45 -15.90
C SER A 130 -23.94 31.91 -16.96
N LYS A 131 -24.25 32.77 -17.93
CA LYS A 131 -25.15 32.43 -19.04
C LYS A 131 -24.31 32.28 -20.31
N ARG A 132 -24.29 31.07 -20.89
CA ARG A 132 -23.52 30.80 -22.10
C ARG A 132 -23.47 31.99 -23.06
N GLU A 133 -24.57 32.72 -23.17
CA GLU A 133 -24.62 33.87 -24.07
C GLU A 133 -23.79 35.03 -23.52
N LYS A 134 -23.60 35.04 -22.20
CA LYS A 134 -22.81 36.07 -21.53
C LYS A 134 -21.34 35.69 -21.61
N VAL A 135 -21.05 34.43 -21.29
CA VAL A 135 -19.69 33.90 -21.31
C VAL A 135 -19.12 34.03 -22.72
N ILE A 136 -19.93 33.69 -23.72
CA ILE A 136 -19.46 33.79 -25.11
C ILE A 136 -19.08 35.22 -25.45
N GLU A 137 -19.84 36.17 -24.92
CA GLU A 137 -19.58 37.58 -25.19
C GLU A 137 -18.37 38.08 -24.40
N PHE A 138 -18.29 37.70 -23.14
CA PHE A 138 -17.16 38.10 -22.30
C PHE A 138 -15.87 37.68 -22.99
N ALA A 139 -15.91 36.52 -23.66
CA ALA A 139 -14.76 35.97 -24.37
C ALA A 139 -14.50 36.72 -25.67
N ARG A 140 -15.55 37.23 -26.30
CA ARG A 140 -15.41 37.99 -27.54
C ARG A 140 -14.64 39.25 -27.20
N GLU A 141 -15.09 39.92 -26.13
CA GLU A 141 -14.46 41.16 -25.69
C GLU A 141 -13.05 40.82 -25.28
N LEU A 142 -12.91 39.67 -24.60
CA LEU A 142 -11.64 39.20 -24.09
C LEU A 142 -10.57 38.96 -25.13
N CYS A 143 -10.91 38.21 -26.17
CA CYS A 143 -9.96 37.89 -27.24
C CYS A 143 -9.69 39.06 -28.16
N THR A 144 -9.95 40.26 -27.64
CA THR A 144 -9.74 41.51 -28.36
C THR A 144 -9.63 42.62 -27.31
N LYS B 5 16.38 -12.23 -12.72
CA LYS B 5 17.36 -11.67 -11.72
C LYS B 5 17.08 -10.21 -11.35
N ILE B 6 17.60 -9.82 -10.19
CA ILE B 6 17.43 -8.45 -9.69
C ILE B 6 18.63 -7.60 -10.12
N GLU B 7 18.35 -6.63 -10.98
CA GLU B 7 19.38 -5.74 -11.52
C GLU B 7 20.14 -4.96 -10.46
N TRP B 8 19.46 -4.03 -9.80
CA TRP B 8 20.07 -3.22 -8.74
C TRP B 8 19.09 -2.99 -7.58
N VAL B 9 19.66 -2.64 -6.43
CA VAL B 9 18.91 -2.33 -5.21
C VAL B 9 19.33 -0.96 -4.70
N ARG B 10 18.36 -0.08 -4.49
CA ARG B 10 18.70 1.23 -3.98
C ARG B 10 17.82 1.69 -2.82
N VAL B 11 18.47 2.06 -1.73
CA VAL B 11 17.79 2.51 -0.52
C VAL B 11 18.10 3.98 -0.28
N SER B 12 17.07 4.81 -0.34
CA SER B 12 17.24 6.23 -0.15
C SER B 12 16.37 6.76 0.99
N ALA B 13 16.59 8.03 1.33
CA ALA B 13 15.82 8.69 2.37
C ALA B 13 16.06 10.19 2.25
N VAL B 14 15.19 10.97 2.90
CA VAL B 14 15.27 12.42 2.86
C VAL B 14 15.55 13.04 4.26
N VAL B 15 16.23 14.19 4.29
CA VAL B 15 16.54 14.85 5.55
C VAL B 15 16.08 16.30 5.56
N HIS B 16 15.13 16.58 6.45
CA HIS B 16 14.54 17.90 6.62
C HIS B 16 15.42 18.78 7.48
N SER B 17 15.29 20.09 7.28
CA SER B 17 16.07 21.08 8.02
C SER B 17 16.20 20.80 9.52
N THR B 18 15.10 20.35 10.11
CA THR B 18 15.05 20.09 11.54
C THR B 18 15.43 18.67 11.96
N GLU B 19 15.84 17.87 10.98
CA GLU B 19 16.28 16.50 11.23
C GLU B 19 17.80 16.39 11.36
N ASP B 20 18.25 15.25 11.88
CA ASP B 20 19.66 14.96 12.05
C ASP B 20 20.04 13.96 10.97
N ARG B 21 20.98 14.31 10.09
CA ARG B 21 21.37 13.38 9.03
C ARG B 21 22.00 12.13 9.60
N GLU B 22 22.59 12.24 10.79
CA GLU B 22 23.20 11.08 11.43
C GLU B 22 22.10 10.12 11.83
N LYS B 23 21.05 10.64 12.46
CA LYS B 23 19.92 9.80 12.89
C LYS B 23 19.23 9.14 11.69
N VAL B 24 19.08 9.90 10.61
CA VAL B 24 18.42 9.40 9.41
C VAL B 24 19.25 8.29 8.79
N GLY B 25 20.57 8.44 8.88
CA GLY B 25 21.48 7.44 8.34
C GLY B 25 21.45 6.18 9.17
N GLU B 26 21.32 6.35 10.49
CA GLU B 26 21.27 5.23 11.41
C GLU B 26 20.05 4.37 11.12
N ALA B 27 18.93 5.03 10.83
CA ALA B 27 17.67 4.37 10.51
C ALA B 27 17.82 3.56 9.23
N ILE B 28 18.73 3.98 8.35
CA ILE B 28 18.98 3.27 7.09
C ILE B 28 19.83 2.04 7.41
N SER B 29 20.65 2.15 8.45
CA SER B 29 21.50 1.05 8.90
C SER B 29 20.63 -0.13 9.31
N THR B 30 19.54 0.15 10.01
CA THR B 30 18.64 -0.90 10.46
C THR B 30 18.31 -1.86 9.33
N LEU B 31 18.46 -1.41 8.09
CA LEU B 31 18.13 -2.24 6.94
C LEU B 31 19.27 -3.06 6.36
N PHE B 32 20.49 -2.77 6.81
CA PHE B 32 21.64 -3.48 6.28
C PHE B 32 22.30 -4.38 7.29
N PRO B 33 22.62 -5.63 6.86
CA PRO B 33 23.28 -6.64 7.68
C PRO B 33 24.79 -6.64 7.41
N PHE B 34 25.24 -5.68 6.60
CA PHE B 34 26.65 -5.56 6.26
C PHE B 34 27.01 -4.09 6.00
N GLU B 35 28.30 -3.79 5.96
CA GLU B 35 28.75 -2.41 5.73
C GLU B 35 28.30 -1.84 4.37
N PHE B 36 28.00 -0.54 4.37
CA PHE B 36 27.52 0.15 3.17
C PHE B 36 27.95 1.62 3.15
N GLU B 37 27.77 2.28 2.01
CA GLU B 37 28.12 3.69 1.84
C GLU B 37 26.89 4.57 1.61
N ILE B 38 26.90 5.79 2.14
CA ILE B 38 25.77 6.68 1.90
C ILE B 38 26.18 7.88 1.07
N ALA B 39 25.53 8.03 -0.10
CA ALA B 39 25.79 9.12 -1.01
C ALA B 39 24.84 10.30 -0.80
N VAL B 40 25.39 11.42 -0.30
CA VAL B 40 24.61 12.63 -0.01
C VAL B 40 24.39 13.58 -1.20
N SER B 41 23.32 14.37 -1.16
CA SER B 41 23.04 15.34 -2.22
C SER B 41 21.93 16.29 -1.80
N LYS B 42 21.53 17.17 -2.70
CA LYS B 42 20.47 18.15 -2.41
C LYS B 42 19.16 17.86 -3.18
N ALA B 43 18.04 18.36 -2.65
CA ALA B 43 16.73 18.14 -3.27
C ALA B 43 15.63 19.05 -2.70
N LYS B 44 14.40 18.82 -3.17
CA LYS B 44 13.22 19.56 -2.69
C LYS B 44 12.25 18.58 -2.07
N GLY B 45 11.48 19.04 -1.08
CA GLY B 45 10.51 18.17 -0.44
C GLY B 45 9.11 18.34 -1.00
N HIS B 46 8.17 17.53 -0.51
CA HIS B 46 6.78 17.60 -0.94
C HIS B 46 6.16 18.98 -0.72
N TYR B 47 6.83 19.80 0.06
CA TYR B 47 6.33 21.13 0.31
C TYR B 47 7.33 22.14 -0.23
N GLY B 48 8.24 21.62 -1.03
CA GLY B 48 9.24 22.45 -1.68
C GLY B 48 10.35 23.01 -0.83
N ASN B 49 10.62 22.36 0.30
CA ASN B 49 11.68 22.82 1.17
C ASN B 49 13.00 22.12 0.86
N PRO B 50 14.11 22.87 0.99
CA PRO B 50 15.48 22.40 0.75
C PRO B 50 15.81 21.15 1.55
N MET B 51 15.96 20.04 0.84
CA MET B 51 16.26 18.78 1.48
C MET B 51 17.59 18.16 1.07
N GLU B 52 18.04 17.22 1.90
CA GLU B 52 19.26 16.46 1.68
C GLU B 52 18.80 15.07 1.29
N TYR B 53 19.46 14.49 0.29
CA TYR B 53 19.09 13.16 -0.19
C TYR B 53 20.16 12.18 0.21
N LEU B 54 19.76 11.00 0.67
CA LEU B 54 20.71 9.98 1.07
C LEU B 54 20.37 8.72 0.31
N GLU B 55 21.34 8.21 -0.45
CA GLU B 55 21.08 7.00 -1.22
C GLU B 55 22.20 5.97 -1.05
N VAL B 56 21.80 4.71 -1.09
CA VAL B 56 22.72 3.57 -0.98
C VAL B 56 22.39 2.64 -2.11
N GLU B 57 23.42 2.28 -2.88
CA GLU B 57 23.24 1.39 -4.01
C GLU B 57 24.00 0.07 -3.87
N LEU B 58 23.35 -1.01 -4.30
CA LEU B 58 23.91 -2.35 -4.27
C LEU B 58 23.91 -2.87 -5.72
N THR B 59 25.04 -3.44 -6.13
CA THR B 59 25.20 -3.99 -7.49
C THR B 59 25.67 -5.46 -7.46
N LYS B 60 26.45 -5.80 -6.43
CA LYS B 60 26.97 -7.16 -6.25
C LYS B 60 25.87 -8.08 -5.74
N SER B 61 25.58 -9.13 -6.51
CA SER B 61 24.54 -10.08 -6.12
C SER B 61 24.84 -10.64 -4.74
N SER B 62 26.12 -10.62 -4.39
CA SER B 62 26.56 -11.08 -3.09
C SER B 62 25.70 -10.30 -2.09
N GLU B 63 26.05 -9.02 -1.96
CA GLU B 63 25.37 -8.09 -1.08
C GLU B 63 23.89 -7.99 -1.44
N ILE B 64 23.59 -7.96 -2.73
CA ILE B 64 22.20 -7.86 -3.15
C ILE B 64 21.35 -8.96 -2.53
N LYS B 65 21.62 -10.20 -2.91
CA LYS B 65 20.87 -11.35 -2.41
C LYS B 65 20.83 -11.42 -0.88
N LYS B 66 21.97 -11.16 -0.25
CA LYS B 66 22.02 -11.19 1.21
C LYS B 66 21.00 -10.18 1.74
N PHE B 67 21.03 -8.96 1.18
CA PHE B 67 20.13 -7.89 1.55
C PHE B 67 18.66 -8.27 1.45
N TRP B 68 18.23 -8.66 0.25
CA TRP B 68 16.85 -9.03 0.04
C TRP B 68 16.34 -10.11 1.01
N LYS B 69 17.17 -11.12 1.23
CA LYS B 69 16.81 -12.21 2.12
C LYS B 69 16.54 -11.66 3.51
N ASN B 70 17.52 -10.92 4.03
CA ASN B 70 17.40 -10.32 5.34
C ASN B 70 16.16 -9.44 5.41
N LEU B 71 16.08 -8.49 4.49
CA LEU B 71 14.97 -7.56 4.43
C LEU B 71 13.64 -8.30 4.56
N LEU B 72 13.47 -9.33 3.73
CA LEU B 72 12.26 -10.15 3.71
C LEU B 72 12.00 -10.77 5.07
N GLU B 73 13.09 -11.22 5.67
CA GLU B 73 13.08 -11.86 6.97
C GLU B 73 12.60 -10.88 8.01
N LEU B 74 13.28 -9.74 8.13
CA LEU B 74 12.89 -8.71 9.09
C LEU B 74 11.43 -8.32 8.93
N LEU B 75 10.99 -8.16 7.69
CA LEU B 75 9.59 -7.79 7.42
C LEU B 75 8.60 -8.80 7.98
N GLY B 76 8.89 -10.08 7.79
CA GLY B 76 8.00 -11.11 8.28
C GLY B 76 6.63 -11.14 7.61
N GLU B 77 5.61 -11.49 8.38
CA GLU B 77 4.24 -11.57 7.86
C GLU B 77 3.79 -10.35 7.06
N GLN B 78 4.54 -9.26 7.17
CA GLN B 78 4.22 -8.03 6.46
C GLN B 78 4.33 -8.18 4.95
N ALA B 79 5.10 -9.18 4.50
CA ALA B 79 5.29 -9.40 3.08
C ALA B 79 3.99 -9.79 2.37
N GLU B 80 2.98 -10.15 3.15
CA GLU B 80 1.69 -10.51 2.58
C GLU B 80 1.04 -9.24 2.02
N GLU B 81 1.28 -8.11 2.66
CA GLU B 81 0.73 -6.84 2.22
C GLU B 81 1.38 -6.41 0.92
N ILE B 82 2.64 -6.76 0.75
CA ILE B 82 3.36 -6.42 -0.46
C ILE B 82 2.75 -7.16 -1.65
N LEU B 83 2.61 -8.48 -1.51
CA LEU B 83 2.05 -9.34 -2.56
C LEU B 83 0.62 -9.00 -2.98
N SER B 84 -0.19 -8.54 -2.05
CA SER B 84 -1.56 -8.21 -2.41
C SER B 84 -1.65 -6.89 -3.17
N THR B 85 -0.53 -6.20 -3.31
CA THR B 85 -0.49 -4.90 -3.98
C THR B 85 0.62 -4.82 -5.05
N LEU B 86 1.37 -5.91 -5.16
CA LEU B 86 2.48 -6.10 -6.09
C LEU B 86 2.49 -5.25 -7.36
N GLU B 87 1.33 -5.11 -7.99
CA GLU B 87 1.23 -4.32 -9.20
C GLU B 87 1.60 -2.86 -9.02
N ASP B 88 1.07 -2.20 -7.99
CA ASP B 88 1.28 -0.81 -7.69
C ASP B 88 2.73 -0.53 -7.35
N ARG B 89 3.38 -1.39 -6.58
CA ARG B 89 4.77 -1.22 -6.17
C ARG B 89 5.70 -1.32 -7.35
N ILE B 90 5.12 -1.63 -8.51
CA ILE B 90 5.90 -1.81 -9.74
C ILE B 90 5.61 -0.77 -10.80
N ASP B 91 6.63 0.00 -11.12
CA ASP B 91 6.50 1.05 -12.13
C ASP B 91 6.80 0.52 -13.53
N GLU B 92 6.65 1.39 -14.53
CA GLU B 92 6.90 1.03 -15.91
C GLU B 92 8.39 0.86 -16.21
N GLN B 93 9.24 1.20 -15.25
CA GLN B 93 10.67 1.04 -15.43
C GLN B 93 11.07 -0.26 -14.74
N ASN B 94 10.06 -1.04 -14.36
CA ASN B 94 10.19 -2.34 -13.68
C ASN B 94 10.94 -2.27 -12.35
N VAL B 95 10.54 -1.34 -11.50
CA VAL B 95 11.16 -1.20 -10.20
C VAL B 95 10.18 -1.60 -9.13
N LEU B 96 10.65 -2.43 -8.20
CA LEU B 96 9.84 -2.89 -7.10
C LEU B 96 10.00 -1.90 -5.95
N HIS B 97 8.88 -1.33 -5.51
CA HIS B 97 8.93 -0.38 -4.42
C HIS B 97 8.39 -0.91 -3.12
N ILE B 98 9.23 -0.86 -2.11
CA ILE B 98 8.87 -1.29 -0.76
C ILE B 98 9.14 -0.05 0.06
N ARG B 99 8.11 0.54 0.64
CA ARG B 99 8.34 1.73 1.45
C ARG B 99 8.38 1.48 2.97
N ILE B 100 9.56 1.75 3.54
CA ILE B 100 9.82 1.54 4.95
C ILE B 100 9.62 2.75 5.89
N ASP B 101 9.06 2.47 7.07
CA ASP B 101 8.79 3.45 8.11
C ASP B 101 10.10 3.96 8.75
N LYS B 102 10.48 5.17 8.38
CA LYS B 102 11.68 5.84 8.85
C LYS B 102 11.87 5.84 10.37
N GLN B 103 10.84 6.27 11.07
CA GLN B 103 10.90 6.36 12.52
C GLN B 103 11.15 5.02 13.20
N LYS B 104 10.37 4.01 12.86
CA LYS B 104 10.56 2.69 13.43
C LYS B 104 11.93 2.15 13.00
N ALA B 105 12.33 2.47 11.78
CA ALA B 105 13.62 2.03 11.31
C ALA B 105 14.65 2.60 12.29
N TYR B 106 14.53 3.88 12.63
CA TYR B 106 15.44 4.53 13.56
C TYR B 106 15.41 3.85 14.92
N LEU B 107 14.24 3.35 15.30
CA LEU B 107 14.14 2.65 16.55
C LEU B 107 14.51 1.20 16.33
N GLY B 108 15.20 0.96 15.23
CA GLY B 108 15.64 -0.38 14.89
C GLY B 108 14.59 -1.43 14.56
N GLU B 109 13.43 -1.02 14.07
CA GLU B 109 12.41 -1.99 13.72
C GLU B 109 12.00 -1.83 12.27
N VAL B 110 11.78 -2.95 11.59
CA VAL B 110 11.40 -2.92 10.20
C VAL B 110 9.89 -3.16 9.99
N SER B 111 9.24 -2.12 9.45
CA SER B 111 7.80 -2.14 9.18
C SER B 111 7.48 -1.30 7.93
N LEU B 112 6.34 -1.61 7.31
CA LEU B 112 5.89 -0.89 6.14
C LEU B 112 5.26 0.45 6.55
N THR B 113 5.15 1.38 5.61
CA THR B 113 4.57 2.69 5.89
C THR B 113 3.71 3.19 4.72
N SER B 114 2.57 3.81 5.03
CA SER B 114 1.70 4.36 3.97
C SER B 114 1.79 5.87 3.85
N GLY B 115 2.70 6.47 4.63
CA GLY B 115 2.87 7.92 4.63
C GLY B 115 3.77 8.45 3.51
N GLY B 116 4.08 9.74 3.59
CA GLY B 116 4.91 10.34 2.56
C GLY B 116 6.33 10.72 2.92
N ASP B 117 6.98 9.96 3.79
CA ASP B 117 8.37 10.24 4.16
C ASP B 117 9.01 8.94 4.55
N PRO B 118 8.90 7.92 3.69
CA PRO B 118 9.51 6.65 4.07
C PRO B 118 10.99 6.59 3.73
N ILE B 119 11.55 5.42 3.94
CA ILE B 119 12.92 5.14 3.59
C ILE B 119 12.59 4.29 2.38
N ALA B 120 12.92 4.80 1.19
CA ALA B 120 12.60 4.06 -0.03
C ALA B 120 13.56 2.91 -0.30
N VAL B 121 12.97 1.80 -0.72
CA VAL B 121 13.71 0.60 -1.09
C VAL B 121 13.14 0.21 -2.44
N LYS B 122 13.97 0.34 -3.47
CA LYS B 122 13.58 0.02 -4.83
C LYS B 122 14.42 -1.12 -5.39
N LEU B 123 13.83 -1.84 -6.34
CA LEU B 123 14.52 -2.97 -6.98
C LEU B 123 14.25 -3.01 -8.48
N ARG B 124 15.32 -3.08 -9.27
CA ARG B 124 15.18 -3.16 -10.73
C ARG B 124 14.93 -4.63 -11.06
N LEU B 125 13.72 -4.95 -11.47
CA LEU B 125 13.35 -6.32 -11.80
C LEU B 125 13.53 -6.68 -13.27
N VAL B 126 14.38 -7.68 -13.53
CA VAL B 126 14.67 -8.11 -14.89
C VAL B 126 14.24 -9.56 -15.21
N THR B 127 13.36 -9.71 -16.19
CA THR B 127 12.91 -11.03 -16.62
C THR B 127 13.46 -11.28 -18.02
N TYR B 128 14.09 -12.44 -18.22
CA TYR B 128 14.66 -12.79 -19.52
C TYR B 128 13.68 -12.53 -20.68
N PRO B 129 12.36 -12.75 -20.48
CA PRO B 129 11.36 -12.52 -21.52
C PRO B 129 10.78 -11.11 -21.44
N SER B 130 11.29 -10.33 -20.49
CA SER B 130 10.89 -8.95 -20.23
C SER B 130 9.48 -8.50 -20.63
N LYS B 131 8.56 -8.62 -19.68
CA LYS B 131 7.17 -8.21 -19.89
C LYS B 131 6.55 -7.76 -18.58
N ARG B 132 5.29 -7.34 -18.64
CA ARG B 132 4.60 -6.90 -17.44
C ARG B 132 4.47 -8.10 -16.52
N GLU B 133 3.58 -9.02 -16.89
CA GLU B 133 3.35 -10.21 -16.09
C GLU B 133 4.66 -10.95 -15.87
N LYS B 134 5.64 -10.68 -16.73
CA LYS B 134 6.94 -11.33 -16.63
C LYS B 134 7.56 -11.02 -15.27
N VAL B 135 7.67 -9.73 -14.96
CA VAL B 135 8.24 -9.28 -13.69
C VAL B 135 7.22 -9.45 -12.56
N ILE B 136 5.97 -9.08 -12.82
CA ILE B 136 4.91 -9.17 -11.84
C ILE B 136 4.86 -10.56 -11.20
N GLU B 137 5.12 -11.58 -12.00
CA GLU B 137 5.11 -12.94 -11.47
C GLU B 137 6.45 -13.23 -10.83
N PHE B 138 7.51 -12.66 -11.38
CA PHE B 138 8.85 -12.84 -10.84
C PHE B 138 8.88 -12.27 -9.42
N ALA B 139 8.11 -11.22 -9.20
CA ALA B 139 8.02 -10.57 -7.89
C ALA B 139 7.57 -11.61 -6.89
N ARG B 140 6.48 -12.30 -7.22
CA ARG B 140 5.94 -13.35 -6.38
C ARG B 140 7.11 -14.28 -6.05
N GLU B 141 7.90 -14.61 -7.06
CA GLU B 141 9.04 -15.49 -6.86
C GLU B 141 9.90 -15.10 -5.65
N LEU B 142 10.07 -13.80 -5.43
CA LEU B 142 10.86 -13.33 -4.30
C LEU B 142 10.05 -13.37 -3.01
N CYS B 143 9.52 -14.56 -2.72
CA CYS B 143 8.72 -14.84 -1.52
C CYS B 143 8.93 -16.31 -1.09
N GLY C 4 9.17 -41.98 33.20
CA GLY C 4 8.80 -40.78 32.39
C GLY C 4 7.65 -41.04 31.45
N LYS C 5 6.51 -40.41 31.70
CA LYS C 5 5.32 -40.59 30.87
C LYS C 5 4.61 -39.28 30.53
N ILE C 6 3.73 -39.35 29.54
CA ILE C 6 2.95 -38.18 29.12
C ILE C 6 1.56 -38.24 29.75
N GLU C 7 1.40 -37.50 30.84
CA GLU C 7 0.14 -37.41 31.58
C GLU C 7 -1.07 -37.25 30.65
N TRP C 8 -0.94 -36.37 29.67
CA TRP C 8 -2.01 -36.10 28.72
C TRP C 8 -1.49 -35.30 27.54
N VAL C 9 -2.37 -35.03 26.60
CA VAL C 9 -2.06 -34.27 25.38
C VAL C 9 -3.33 -33.55 24.94
N ARG C 10 -3.28 -32.22 24.85
CA ARG C 10 -4.44 -31.49 24.38
C ARG C 10 -4.07 -30.56 23.25
N VAL C 11 -4.91 -30.55 22.22
CA VAL C 11 -4.71 -29.72 21.04
C VAL C 11 -5.84 -28.71 20.93
N SER C 12 -5.53 -27.43 21.13
CA SER C 12 -6.53 -26.37 21.04
C SER C 12 -6.32 -25.50 19.80
N ALA C 13 -7.39 -24.85 19.37
CA ALA C 13 -7.35 -23.96 18.21
C ALA C 13 -8.40 -22.88 18.41
N VAL C 14 -8.32 -21.81 17.63
CA VAL C 14 -9.29 -20.72 17.77
C VAL C 14 -10.07 -20.48 16.48
N VAL C 15 -11.28 -19.95 16.61
CA VAL C 15 -12.10 -19.63 15.45
C VAL C 15 -12.67 -18.22 15.57
N HIS C 16 -12.19 -17.34 14.70
CA HIS C 16 -12.60 -15.94 14.69
C HIS C 16 -13.91 -15.81 13.92
N SER C 17 -14.65 -14.73 14.17
CA SER C 17 -15.94 -14.49 13.51
C SER C 17 -15.98 -14.83 12.03
N THR C 18 -14.88 -14.57 11.34
CA THR C 18 -14.79 -14.81 9.90
C THR C 18 -14.39 -16.23 9.51
N GLU C 19 -14.03 -17.04 10.50
CA GLU C 19 -13.62 -18.42 10.25
C GLU C 19 -14.73 -19.46 10.25
N ASP C 20 -14.53 -20.50 9.45
CA ASP C 20 -15.47 -21.61 9.38
C ASP C 20 -15.00 -22.67 10.38
N ARG C 21 -15.72 -22.81 11.49
CA ARG C 21 -15.35 -23.76 12.53
C ARG C 21 -15.06 -25.18 12.05
N GLU C 22 -15.72 -25.59 10.96
CA GLU C 22 -15.48 -26.93 10.44
C GLU C 22 -14.12 -27.02 9.77
N LYS C 23 -13.79 -26.06 8.93
CA LYS C 23 -12.50 -26.05 8.26
C LYS C 23 -11.38 -26.01 9.30
N VAL C 24 -11.63 -25.33 10.42
CA VAL C 24 -10.67 -25.23 11.51
C VAL C 24 -10.38 -26.62 12.02
N GLY C 25 -11.45 -27.37 12.28
CA GLY C 25 -11.31 -28.73 12.78
C GLY C 25 -10.69 -29.74 11.82
N GLU C 26 -10.92 -29.56 10.52
CA GLU C 26 -10.36 -30.46 9.51
C GLU C 26 -8.85 -30.26 9.46
N ALA C 27 -8.40 -29.16 10.03
CA ALA C 27 -6.98 -28.83 10.09
C ALA C 27 -6.35 -29.40 11.35
N ILE C 28 -7.18 -29.67 12.35
CA ILE C 28 -6.72 -30.23 13.62
C ILE C 28 -6.56 -31.73 13.44
N SER C 29 -7.52 -32.34 12.76
CA SER C 29 -7.53 -33.77 12.49
C SER C 29 -6.29 -34.24 11.73
N THR C 30 -5.57 -33.29 11.15
CA THR C 30 -4.35 -33.57 10.40
C THR C 30 -3.28 -34.17 11.33
N LEU C 31 -3.53 -34.15 12.63
CA LEU C 31 -2.58 -34.67 13.60
C LEU C 31 -3.09 -35.86 14.41
N PHE C 32 -4.26 -36.35 14.06
CA PHE C 32 -4.87 -37.50 14.74
C PHE C 32 -5.07 -38.68 13.80
N PRO C 33 -4.29 -39.76 13.98
CA PRO C 33 -4.39 -40.96 13.14
C PRO C 33 -5.50 -41.89 13.65
N PHE C 34 -6.52 -41.32 14.27
CA PHE C 34 -7.60 -42.11 14.84
C PHE C 34 -8.78 -41.24 15.23
N GLU C 35 -9.77 -41.84 15.88
CA GLU C 35 -10.96 -41.11 16.33
C GLU C 35 -10.61 -40.11 17.41
N PHE C 36 -11.41 -39.06 17.50
CA PHE C 36 -11.22 -38.03 18.50
C PHE C 36 -12.43 -37.11 18.43
N GLU C 37 -12.71 -36.41 19.53
CA GLU C 37 -13.85 -35.51 19.58
C GLU C 37 -13.37 -34.08 19.82
N ILE C 38 -14.17 -33.10 19.42
CA ILE C 38 -13.79 -31.70 19.62
C ILE C 38 -14.65 -31.00 20.67
N ALA C 39 -13.99 -30.48 21.71
CA ALA C 39 -14.68 -29.79 22.78
C ALA C 39 -14.81 -28.29 22.47
N VAL C 40 -15.97 -27.90 21.94
CA VAL C 40 -16.24 -26.52 21.57
C VAL C 40 -16.62 -25.59 22.73
N SER C 41 -15.69 -24.70 23.08
CA SER C 41 -15.89 -23.74 24.17
C SER C 41 -16.78 -22.55 23.79
N MET C 51 -14.93 -14.69 19.69
CA MET C 51 -14.41 -15.91 19.06
C MET C 51 -14.57 -17.12 19.97
N GLU C 52 -14.32 -18.30 19.41
CA GLU C 52 -14.45 -19.55 20.16
C GLU C 52 -13.25 -20.47 19.99
N TYR C 53 -13.01 -21.31 20.99
CA TYR C 53 -11.91 -22.25 20.98
C TYR C 53 -12.43 -23.66 20.67
N LEU C 54 -11.54 -24.50 20.14
CA LEU C 54 -11.85 -25.88 19.83
C LEU C 54 -10.77 -26.71 20.52
N GLU C 55 -11.17 -27.65 21.37
CA GLU C 55 -10.17 -28.45 22.04
C GLU C 55 -10.32 -29.96 21.88
N VAL C 56 -9.21 -30.64 22.16
CA VAL C 56 -9.13 -32.09 22.07
C VAL C 56 -8.13 -32.51 23.15
N GLU C 57 -8.43 -33.61 23.84
CA GLU C 57 -7.55 -34.08 24.89
C GLU C 57 -7.38 -35.59 24.86
N LEU C 58 -6.13 -36.05 24.95
CA LEU C 58 -5.84 -37.48 24.94
C LEU C 58 -5.41 -37.89 26.33
N THR C 59 -6.01 -38.99 26.80
CA THR C 59 -5.73 -39.53 28.13
C THR C 59 -5.21 -40.96 28.08
N LYS C 60 -5.65 -41.73 27.08
CA LYS C 60 -5.20 -43.10 26.93
C LYS C 60 -3.76 -43.07 26.43
N SER C 61 -2.88 -43.84 27.05
CA SER C 61 -1.49 -43.86 26.63
C SER C 61 -1.38 -44.30 25.16
N SER C 62 -2.25 -45.21 24.75
CA SER C 62 -2.26 -45.71 23.38
C SER C 62 -2.32 -44.54 22.42
N GLU C 63 -3.37 -43.75 22.57
CA GLU C 63 -3.57 -42.59 21.73
C GLU C 63 -2.45 -41.59 21.93
N ILE C 64 -2.09 -41.36 23.19
CA ILE C 64 -1.01 -40.43 23.50
C ILE C 64 0.28 -40.91 22.82
N LYS C 65 0.43 -42.22 22.73
CA LYS C 65 1.61 -42.82 22.11
C LYS C 65 1.50 -42.76 20.59
N LYS C 66 0.31 -43.05 20.06
CA LYS C 66 0.09 -43.02 18.62
C LYS C 66 0.25 -41.60 18.13
N PHE C 67 -0.22 -40.65 18.94
CA PHE C 67 -0.13 -39.24 18.61
C PHE C 67 1.32 -38.78 18.50
N TRP C 68 2.11 -39.06 19.54
CA TRP C 68 3.50 -38.65 19.55
C TRP C 68 4.31 -39.24 18.40
N LYS C 69 4.01 -40.50 18.05
CA LYS C 69 4.70 -41.17 16.96
C LYS C 69 4.36 -40.40 15.68
N ASN C 70 3.12 -40.54 15.24
CA ASN C 70 2.63 -39.87 14.05
C ASN C 70 3.02 -38.38 14.00
N LEU C 71 3.18 -37.77 15.17
CA LEU C 71 3.54 -36.36 15.21
C LEU C 71 4.95 -36.18 14.65
N LEU C 72 5.95 -36.75 15.32
CA LEU C 72 7.33 -36.65 14.85
C LEU C 72 7.46 -37.14 13.41
N GLU C 73 6.60 -38.08 13.04
CA GLU C 73 6.62 -38.60 11.67
C GLU C 73 6.39 -37.43 10.73
N LEU C 74 5.23 -36.80 10.88
CA LEU C 74 4.82 -35.67 10.07
C LEU C 74 5.79 -34.49 10.06
N LEU C 75 6.27 -34.07 11.23
CA LEU C 75 7.21 -32.95 11.31
C LEU C 75 8.48 -33.26 10.51
N GLY C 76 8.97 -34.48 10.65
CA GLY C 76 10.17 -34.87 9.95
C GLY C 76 11.38 -34.06 10.37
N GLU C 77 12.02 -33.42 9.40
CA GLU C 77 13.22 -32.62 9.64
C GLU C 77 13.00 -31.69 10.82
N GLN C 78 11.85 -31.02 10.83
CA GLN C 78 11.46 -30.07 11.86
C GLN C 78 11.54 -30.60 13.28
N ALA C 79 11.47 -31.92 13.41
CA ALA C 79 11.55 -32.56 14.72
C ALA C 79 12.87 -32.21 15.38
N GLU C 80 13.86 -31.87 14.55
CA GLU C 80 15.18 -31.49 15.04
C GLU C 80 15.20 -30.10 15.65
N GLU C 81 14.36 -29.21 15.12
CA GLU C 81 14.26 -27.84 15.62
C GLU C 81 13.78 -27.83 17.07
N ILE C 82 12.74 -28.60 17.35
CA ILE C 82 12.20 -28.68 18.71
C ILE C 82 13.31 -29.23 19.58
N LEU C 83 13.88 -30.33 19.10
CA LEU C 83 14.97 -31.03 19.76
C LEU C 83 16.04 -30.05 20.22
N SER C 84 16.10 -28.90 19.54
CA SER C 84 17.06 -27.83 19.83
C SER C 84 16.67 -27.00 21.04
N THR C 85 15.43 -26.54 21.03
CA THR C 85 14.89 -25.70 22.10
C THR C 85 13.86 -26.36 23.00
N LEU C 86 14.33 -27.07 24.02
CA LEU C 86 13.41 -27.70 24.95
C LEU C 86 13.18 -26.77 26.12
N GLU C 87 14.28 -26.42 26.80
CA GLU C 87 14.24 -25.50 27.95
C GLU C 87 13.20 -24.41 27.74
N ASP C 88 13.11 -23.94 26.51
CA ASP C 88 12.17 -22.88 26.15
C ASP C 88 10.75 -23.42 25.99
N ARG C 89 10.57 -24.34 25.04
CA ARG C 89 9.24 -24.92 24.78
C ARG C 89 8.62 -25.53 26.03
N ILE C 90 9.46 -26.12 26.89
CA ILE C 90 8.96 -26.71 28.12
C ILE C 90 8.67 -25.58 29.09
N ASP C 91 7.46 -25.55 29.63
CA ASP C 91 7.07 -24.49 30.56
C ASP C 91 7.32 -24.91 32.02
N GLU C 92 6.79 -24.14 32.95
CA GLU C 92 6.98 -24.40 34.38
C GLU C 92 6.50 -25.78 34.85
N GLN C 93 5.23 -26.11 34.61
CA GLN C 93 4.68 -27.40 35.03
C GLN C 93 5.13 -28.54 34.10
N ASN C 94 6.35 -28.42 33.57
CA ASN C 94 6.91 -29.43 32.68
C ASN C 94 6.04 -29.69 31.45
N VAL C 95 5.20 -28.74 31.08
CA VAL C 95 4.34 -28.92 29.92
C VAL C 95 5.09 -28.47 28.67
N LEU C 96 5.18 -29.36 27.69
CA LEU C 96 5.86 -29.07 26.45
C LEU C 96 4.88 -28.47 25.44
N HIS C 97 5.36 -27.47 24.72
CA HIS C 97 4.54 -26.76 23.73
C HIS C 97 5.04 -26.86 22.32
N ILE C 98 4.09 -27.05 21.42
CA ILE C 98 4.37 -27.13 20.00
C ILE C 98 3.21 -26.39 19.36
N ARG C 99 3.50 -25.33 18.63
CA ARG C 99 2.44 -24.58 17.95
C ARG C 99 2.68 -24.84 16.48
N ILE C 100 1.62 -25.06 15.71
CA ILE C 100 1.83 -25.32 14.30
C ILE C 100 0.89 -24.56 13.38
N ASP C 101 1.37 -24.37 12.16
CA ASP C 101 0.68 -23.66 11.09
C ASP C 101 -0.74 -24.19 10.87
N LYS C 102 -1.73 -23.42 11.32
CA LYS C 102 -3.11 -23.81 11.14
C LYS C 102 -3.40 -23.90 9.65
N GLN C 103 -2.86 -22.96 8.88
CA GLN C 103 -3.10 -22.92 7.44
C GLN C 103 -2.54 -24.12 6.68
N LYS C 104 -1.28 -24.46 6.95
CA LYS C 104 -0.66 -25.61 6.30
C LYS C 104 -1.35 -26.88 6.81
N ALA C 105 -1.71 -26.87 8.08
CA ALA C 105 -2.38 -28.02 8.69
C ALA C 105 -3.65 -28.35 7.90
N TYR C 106 -4.49 -27.34 7.66
CA TYR C 106 -5.72 -27.53 6.92
C TYR C 106 -5.46 -28.17 5.56
N LEU C 107 -4.24 -27.97 5.06
CA LEU C 107 -3.86 -28.52 3.76
C LEU C 107 -3.31 -29.91 3.95
N GLY C 108 -2.76 -30.18 5.13
CA GLY C 108 -2.20 -31.49 5.40
C GLY C 108 -0.69 -31.44 5.50
N GLU C 109 -0.20 -30.61 6.41
CA GLU C 109 1.24 -30.48 6.61
C GLU C 109 1.51 -29.90 7.99
N VAL C 110 2.38 -30.56 8.72
CA VAL C 110 2.70 -30.09 10.04
C VAL C 110 3.96 -29.23 9.99
N SER C 111 3.81 -27.99 10.43
CA SER C 111 4.93 -27.07 10.46
C SER C 111 4.87 -26.13 11.65
N LEU C 112 5.92 -26.17 12.47
CA LEU C 112 5.98 -25.30 13.63
C LEU C 112 5.86 -23.90 13.07
N THR C 113 5.18 -23.03 13.79
CA THR C 113 4.99 -21.66 13.34
C THR C 113 5.16 -20.68 14.48
N SER C 114 5.85 -19.58 14.19
CA SER C 114 6.05 -18.53 15.17
C SER C 114 4.84 -17.60 15.07
N GLY C 115 4.00 -17.90 14.08
CA GLY C 115 2.79 -17.12 13.86
C GLY C 115 1.95 -16.89 15.10
N GLY C 116 1.03 -15.94 15.00
CA GLY C 116 0.19 -15.62 16.14
C GLY C 116 -1.18 -16.26 16.16
N ASP C 117 -1.40 -17.30 15.36
CA ASP C 117 -2.69 -18.00 15.34
C ASP C 117 -2.44 -19.46 15.00
N PRO C 118 -1.62 -20.13 15.82
CA PRO C 118 -1.32 -21.54 15.58
C PRO C 118 -2.36 -22.50 16.16
N ILE C 119 -2.03 -23.78 16.06
CA ILE C 119 -2.84 -24.85 16.60
C ILE C 119 -1.91 -25.29 17.71
N ALA C 120 -2.17 -24.82 18.93
CA ALA C 120 -1.34 -25.16 20.06
C ALA C 120 -1.42 -26.62 20.39
N VAL C 121 -0.26 -27.23 20.60
CA VAL C 121 -0.17 -28.63 20.95
C VAL C 121 0.72 -28.75 22.18
N LYS C 122 0.11 -29.01 23.33
CA LYS C 122 0.89 -29.17 24.53
C LYS C 122 0.62 -30.53 25.19
N LEU C 123 1.64 -31.03 25.89
CA LEU C 123 1.55 -32.30 26.57
C LEU C 123 2.39 -32.28 27.84
N ARG C 124 1.80 -32.69 28.96
CA ARG C 124 2.52 -32.68 30.22
C ARG C 124 3.45 -33.89 30.35
N LEU C 125 4.69 -33.62 30.73
CA LEU C 125 5.67 -34.68 30.91
C LEU C 125 5.82 -34.98 32.39
N VAL C 126 6.03 -36.26 32.72
CA VAL C 126 6.17 -36.66 34.12
C VAL C 126 7.39 -37.56 34.38
N THR C 127 8.27 -37.07 35.25
CA THR C 127 9.49 -37.78 35.66
C THR C 127 9.35 -38.17 37.13
N TYR C 128 10.29 -38.94 37.67
CA TYR C 128 10.20 -39.37 39.06
C TYR C 128 11.40 -39.10 39.96
N PRO C 129 11.40 -37.94 40.66
CA PRO C 129 10.32 -36.94 40.59
C PRO C 129 10.49 -36.02 39.38
N SER C 130 9.46 -35.23 39.08
CA SER C 130 9.51 -34.32 37.94
C SER C 130 10.59 -33.25 38.14
N LYS C 131 11.85 -33.69 38.14
CA LYS C 131 12.99 -32.80 38.31
C LYS C 131 13.30 -32.17 36.95
N ARG C 132 13.18 -30.85 36.87
CA ARG C 132 13.43 -30.10 35.65
C ARG C 132 14.65 -30.58 34.85
N GLU C 133 15.52 -31.35 35.50
CA GLU C 133 16.72 -31.87 34.84
C GLU C 133 16.43 -33.18 34.13
N LYS C 134 15.84 -34.13 34.85
CA LYS C 134 15.51 -35.43 34.30
C LYS C 134 14.31 -35.31 33.35
N VAL C 135 13.51 -34.27 33.56
CA VAL C 135 12.33 -34.01 32.73
C VAL C 135 12.79 -33.55 31.36
N ILE C 136 13.81 -32.70 31.33
CA ILE C 136 14.35 -32.20 30.08
C ILE C 136 15.03 -33.34 29.33
N GLU C 137 15.63 -34.25 30.08
CA GLU C 137 16.31 -35.40 29.51
C GLU C 137 15.27 -36.31 28.85
N PHE C 138 14.17 -36.55 29.57
CA PHE C 138 13.10 -37.40 29.05
C PHE C 138 12.51 -36.73 27.82
N ALA C 139 12.35 -35.41 27.90
CA ALA C 139 11.79 -34.64 26.79
C ALA C 139 12.61 -34.88 25.53
N ARG C 140 13.93 -34.88 25.67
CA ARG C 140 14.82 -35.09 24.53
C ARG C 140 14.68 -36.49 23.96
N GLU C 141 13.69 -37.21 24.50
CA GLU C 141 13.36 -38.57 24.11
C GLU C 141 13.50 -38.83 22.61
N LEU C 142 13.31 -37.78 21.81
CA LEU C 142 13.37 -37.87 20.35
C LEU C 142 14.34 -38.89 19.74
N CYS C 143 13.86 -39.54 18.69
CA CYS C 143 14.62 -40.57 17.99
C CYS C 143 14.38 -40.49 16.49
N LYS D 3 -10.16 21.65 -2.15
CA LYS D 3 -10.84 21.21 -3.42
C LYS D 3 -10.04 20.16 -4.19
N GLY D 4 -10.79 19.27 -4.84
CA GLY D 4 -10.22 18.18 -5.63
C GLY D 4 -11.26 17.08 -5.58
N LYS D 5 -10.91 15.90 -6.08
CA LYS D 5 -11.85 14.79 -6.04
C LYS D 5 -11.16 13.47 -5.75
N ILE D 6 -11.97 12.47 -5.44
CA ILE D 6 -11.50 11.11 -5.15
C ILE D 6 -11.69 10.31 -6.43
N GLU D 7 -10.67 10.28 -7.29
CA GLU D 7 -10.76 9.54 -8.54
C GLU D 7 -11.44 8.17 -8.36
N TRP D 8 -11.00 7.41 -7.34
CA TRP D 8 -11.60 6.10 -7.06
C TRP D 8 -11.47 5.66 -5.60
N VAL D 9 -11.99 4.46 -5.32
CA VAL D 9 -11.96 3.87 -3.98
C VAL D 9 -11.88 2.36 -4.06
N ARG D 10 -10.84 1.80 -3.44
CA ARG D 10 -10.66 0.35 -3.42
C ARG D 10 -10.72 -0.23 -2.01
N VAL D 11 -11.59 -1.21 -1.82
CA VAL D 11 -11.80 -1.89 -0.54
C VAL D 11 -11.45 -3.36 -0.70
N SER D 12 -10.42 -3.81 0.01
CA SER D 12 -10.00 -5.19 -0.10
C SER D 12 -9.68 -5.91 1.19
N ALA D 13 -9.73 -7.23 1.12
CA ALA D 13 -9.46 -8.12 2.23
C ALA D 13 -8.97 -9.44 1.64
N VAL D 14 -8.41 -10.29 2.51
CA VAL D 14 -7.91 -11.59 2.09
C VAL D 14 -8.67 -12.69 2.81
N VAL D 15 -8.81 -13.82 2.13
CA VAL D 15 -9.51 -14.97 2.69
C VAL D 15 -8.53 -16.13 2.80
N HIS D 16 -8.33 -16.58 4.03
CA HIS D 16 -7.42 -17.68 4.31
C HIS D 16 -8.13 -19.03 4.22
N SER D 17 -7.34 -20.09 4.04
CA SER D 17 -7.83 -21.46 3.89
C SER D 17 -8.89 -21.85 4.93
N THR D 18 -8.73 -21.33 6.13
CA THR D 18 -9.67 -21.61 7.22
C THR D 18 -10.91 -20.71 7.16
N GLU D 19 -10.83 -19.67 6.32
CA GLU D 19 -11.89 -18.68 6.17
C GLU D 19 -13.02 -18.94 5.19
N ASP D 20 -14.13 -18.25 5.45
CA ASP D 20 -15.36 -18.35 4.65
C ASP D 20 -15.63 -17.06 3.87
N ARG D 21 -15.54 -17.16 2.55
CA ARG D 21 -15.77 -16.02 1.66
C ARG D 21 -17.03 -15.24 2.01
N GLU D 22 -18.15 -15.96 2.13
CA GLU D 22 -19.42 -15.32 2.45
C GLU D 22 -19.37 -14.58 3.77
N LYS D 23 -18.72 -15.16 4.78
CA LYS D 23 -18.63 -14.50 6.08
C LYS D 23 -17.82 -13.20 5.97
N VAL D 24 -16.72 -13.26 5.23
CA VAL D 24 -15.84 -12.11 5.01
C VAL D 24 -16.53 -11.06 4.16
N GLY D 25 -17.07 -11.50 3.01
CA GLY D 25 -17.78 -10.58 2.13
C GLY D 25 -18.77 -9.75 2.92
N GLU D 26 -19.20 -10.30 4.04
CA GLU D 26 -20.16 -9.63 4.93
C GLU D 26 -19.46 -8.57 5.78
N ALA D 27 -18.30 -8.92 6.32
CA ALA D 27 -17.54 -7.98 7.13
C ALA D 27 -17.16 -6.82 6.21
N ILE D 28 -17.11 -7.10 4.91
CA ILE D 28 -16.79 -6.09 3.90
C ILE D 28 -17.98 -5.15 3.74
N SER D 29 -19.16 -5.72 3.55
CA SER D 29 -20.37 -4.95 3.36
C SER D 29 -20.70 -4.00 4.51
N THR D 30 -20.18 -4.28 5.71
CA THR D 30 -20.47 -3.41 6.85
C THR D 30 -20.10 -1.96 6.49
N LEU D 31 -19.19 -1.83 5.54
CA LEU D 31 -18.69 -0.53 5.09
C LEU D 31 -19.52 0.08 3.97
N PHE D 32 -20.48 -0.66 3.45
CA PHE D 32 -21.32 -0.15 2.37
C PHE D 32 -22.78 0.03 2.75
N PRO D 33 -23.38 1.14 2.30
CA PRO D 33 -24.79 1.48 2.56
C PRO D 33 -25.58 1.35 1.25
N PHE D 34 -25.01 0.62 0.30
CA PHE D 34 -25.63 0.41 -1.00
C PHE D 34 -25.08 -0.85 -1.66
N GLU D 35 -25.77 -1.31 -2.68
CA GLU D 35 -25.38 -2.53 -3.42
C GLU D 35 -24.00 -2.41 -4.06
N PHE D 36 -23.30 -3.54 -4.17
CA PHE D 36 -21.97 -3.52 -4.77
C PHE D 36 -21.46 -4.88 -5.24
N GLU D 37 -20.47 -4.84 -6.14
CA GLU D 37 -19.86 -6.04 -6.71
C GLU D 37 -18.61 -6.38 -5.88
N ILE D 38 -17.93 -7.48 -6.23
CA ILE D 38 -16.70 -7.92 -5.54
C ILE D 38 -15.87 -8.90 -6.38
N ALA D 39 -14.75 -8.42 -6.94
CA ALA D 39 -13.88 -9.27 -7.76
C ALA D 39 -13.16 -10.27 -6.88
N VAL D 40 -12.97 -11.48 -7.39
CA VAL D 40 -12.31 -12.53 -6.63
C VAL D 40 -11.11 -13.19 -7.34
N SER D 41 -9.91 -12.82 -6.90
CA SER D 41 -8.68 -13.38 -7.46
C SER D 41 -8.16 -14.47 -6.53
N LYS D 42 -7.08 -15.13 -6.94
CA LYS D 42 -6.49 -16.19 -6.14
C LYS D 42 -5.00 -16.26 -6.43
N ALA D 43 -4.20 -16.60 -5.42
CA ALA D 43 -2.77 -16.70 -5.60
C ALA D 43 -2.13 -17.26 -4.33
N LYS D 44 -0.82 -17.48 -4.37
CA LYS D 44 -0.09 -18.02 -3.23
C LYS D 44 0.36 -16.91 -2.27
N GLY D 45 -0.04 -17.05 -1.00
CA GLY D 45 0.29 -16.09 0.01
C GLY D 45 1.76 -15.84 0.28
N HIS D 46 2.03 -14.96 1.24
CA HIS D 46 3.40 -14.60 1.64
C HIS D 46 4.24 -15.87 1.66
N TYR D 47 3.80 -16.86 2.43
CA TYR D 47 4.49 -18.13 2.51
C TYR D 47 4.11 -18.85 1.21
N GLY D 48 3.73 -20.12 1.31
CA GLY D 48 3.34 -20.85 0.12
C GLY D 48 1.85 -21.10 0.09
N ASN D 49 1.17 -20.70 1.16
CA ASN D 49 -0.27 -20.91 1.30
C ASN D 49 -1.17 -20.21 0.29
N PRO D 50 -2.10 -20.98 -0.30
CA PRO D 50 -3.06 -20.49 -1.28
C PRO D 50 -3.94 -19.41 -0.66
N MET D 51 -3.94 -18.24 -1.30
CA MET D 51 -4.70 -17.09 -0.83
C MET D 51 -5.88 -16.77 -1.76
N GLU D 52 -6.84 -16.03 -1.19
CA GLU D 52 -8.02 -15.58 -1.91
C GLU D 52 -8.05 -14.06 -1.67
N TYR D 53 -8.19 -13.28 -2.74
CA TYR D 53 -8.23 -11.82 -2.63
C TYR D 53 -9.59 -11.26 -3.00
N LEU D 54 -10.08 -10.32 -2.20
CA LEU D 54 -11.38 -9.71 -2.43
C LEU D 54 -11.30 -8.20 -2.51
N GLU D 55 -11.60 -7.63 -3.68
CA GLU D 55 -11.55 -6.18 -3.81
C GLU D 55 -12.84 -5.59 -4.39
N VAL D 56 -13.28 -4.47 -3.80
CA VAL D 56 -14.46 -3.75 -4.23
C VAL D 56 -13.98 -2.36 -4.65
N GLU D 57 -14.25 -1.97 -5.89
CA GLU D 57 -13.81 -0.64 -6.35
C GLU D 57 -14.98 0.24 -6.80
N LEU D 58 -15.05 1.46 -6.25
CA LEU D 58 -16.10 2.42 -6.59
C LEU D 58 -15.55 3.46 -7.55
N THR D 59 -16.19 3.60 -8.70
CA THR D 59 -15.75 4.54 -9.70
C THR D 59 -16.80 5.58 -10.11
N LYS D 60 -18.00 5.47 -9.53
CA LYS D 60 -19.08 6.41 -9.81
C LYS D 60 -19.09 7.44 -8.70
N SER D 61 -18.74 8.68 -9.05
CA SER D 61 -18.70 9.77 -8.06
C SER D 61 -19.79 9.61 -7.03
N SER D 62 -20.98 9.27 -7.52
CA SER D 62 -22.17 9.06 -6.71
C SER D 62 -21.82 8.16 -5.51
N GLU D 63 -21.49 6.91 -5.81
CA GLU D 63 -21.15 5.92 -4.80
C GLU D 63 -20.02 6.45 -3.90
N ILE D 64 -18.94 6.88 -4.56
CA ILE D 64 -17.76 7.41 -3.88
C ILE D 64 -18.16 8.32 -2.72
N LYS D 65 -18.93 9.36 -3.03
CA LYS D 65 -19.34 10.32 -2.03
C LYS D 65 -20.30 9.78 -0.98
N LYS D 66 -21.27 8.97 -1.40
CA LYS D 66 -22.22 8.41 -0.44
C LYS D 66 -21.44 7.45 0.46
N PHE D 67 -20.56 6.69 -0.17
CA PHE D 67 -19.72 5.74 0.53
C PHE D 67 -18.83 6.46 1.55
N TRP D 68 -18.15 7.52 1.10
CA TRP D 68 -17.27 8.26 1.98
C TRP D 68 -18.01 8.94 3.14
N LYS D 69 -19.22 9.40 2.87
CA LYS D 69 -20.04 10.05 3.89
C LYS D 69 -20.34 8.99 4.94
N ASN D 70 -20.74 7.81 4.46
CA ASN D 70 -21.07 6.67 5.29
C ASN D 70 -19.89 6.26 6.15
N LEU D 71 -18.80 5.90 5.49
CA LEU D 71 -17.58 5.48 6.17
C LEU D 71 -17.27 6.44 7.32
N LEU D 72 -17.36 7.73 7.05
CA LEU D 72 -17.09 8.75 8.05
C LEU D 72 -18.18 8.67 9.11
N GLU D 73 -19.39 8.36 8.68
CA GLU D 73 -20.54 8.22 9.57
C GLU D 73 -20.19 7.16 10.60
N LEU D 74 -20.10 5.92 10.10
CA LEU D 74 -19.78 4.75 10.91
C LEU D 74 -18.54 4.89 11.77
N LEU D 75 -17.41 5.18 11.13
CA LEU D 75 -16.14 5.36 11.82
C LEU D 75 -16.34 6.31 12.99
N GLY D 76 -17.08 7.38 12.73
CA GLY D 76 -17.38 8.35 13.76
C GLY D 76 -16.26 9.07 14.49
N GLU D 77 -16.15 8.81 15.80
CA GLU D 77 -15.16 9.46 16.66
C GLU D 77 -13.69 9.21 16.37
N GLN D 78 -13.40 8.21 15.55
CA GLN D 78 -12.03 7.89 15.22
C GLN D 78 -11.55 8.72 14.03
N ALA D 79 -12.50 9.36 13.35
CA ALA D 79 -12.22 10.21 12.20
C ALA D 79 -11.28 11.35 12.58
N GLU D 80 -11.23 11.65 13.87
CA GLU D 80 -10.36 12.70 14.38
C GLU D 80 -8.93 12.18 14.33
N GLU D 81 -8.79 10.86 14.49
CA GLU D 81 -7.48 10.21 14.45
C GLU D 81 -7.03 10.17 13.01
N ILE D 82 -7.96 9.93 12.12
CA ILE D 82 -7.65 9.91 10.69
C ILE D 82 -7.06 11.29 10.36
N LEU D 83 -7.65 12.32 10.95
CA LEU D 83 -7.24 13.71 10.77
C LEU D 83 -5.85 14.09 11.30
N SER D 84 -5.53 13.62 12.49
CA SER D 84 -4.24 13.93 13.08
C SER D 84 -3.10 13.07 12.54
N THR D 85 -3.45 12.03 11.79
CA THR D 85 -2.45 11.11 11.25
C THR D 85 -2.42 11.05 9.73
N LEU D 86 -3.03 12.05 9.10
CA LEU D 86 -3.11 12.17 7.65
C LEU D 86 -1.79 11.99 6.92
N GLU D 87 -0.76 12.62 7.48
CA GLU D 87 0.57 12.60 6.91
C GLU D 87 1.21 11.18 6.85
N ASP D 88 0.64 10.22 7.59
CA ASP D 88 1.15 8.84 7.58
C ASP D 88 0.23 7.86 6.87
N ARG D 89 -0.85 8.38 6.29
CA ARG D 89 -1.84 7.57 5.60
C ARG D 89 -1.78 7.81 4.12
N ILE D 90 -1.38 9.02 3.75
CA ILE D 90 -1.29 9.39 2.35
C ILE D 90 0.12 9.16 1.85
N ASP D 91 0.28 8.26 0.88
CA ASP D 91 1.59 8.00 0.32
C ASP D 91 1.91 9.01 -0.76
N GLU D 92 3.08 8.84 -1.35
CA GLU D 92 3.53 9.74 -2.40
C GLU D 92 2.79 9.59 -3.71
N GLN D 93 1.85 8.65 -3.77
CA GLN D 93 1.06 8.45 -4.97
C GLN D 93 -0.29 9.06 -4.69
N ASN D 94 -0.35 9.86 -3.63
CA ASN D 94 -1.58 10.53 -3.21
C ASN D 94 -2.72 9.62 -2.84
N VAL D 95 -2.39 8.41 -2.38
CA VAL D 95 -3.45 7.52 -1.98
C VAL D 95 -3.62 7.58 -0.48
N LEU D 96 -4.87 7.76 -0.06
CA LEU D 96 -5.22 7.82 1.35
C LEU D 96 -5.60 6.41 1.80
N HIS D 97 -4.87 5.93 2.81
CA HIS D 97 -5.02 4.59 3.36
C HIS D 97 -5.73 4.44 4.69
N ILE D 98 -6.74 3.59 4.69
CA ILE D 98 -7.52 3.30 5.89
C ILE D 98 -7.78 1.81 5.97
N ARG D 99 -7.30 1.20 7.04
CA ARG D 99 -7.45 -0.23 7.29
C ARG D 99 -8.38 -0.46 8.48
N ILE D 100 -9.38 -1.33 8.29
CA ILE D 100 -10.34 -1.64 9.34
C ILE D 100 -10.15 -3.04 9.89
N ASP D 101 -10.50 -3.20 11.15
CA ASP D 101 -10.44 -4.48 11.84
C ASP D 101 -11.43 -5.41 11.13
N LYS D 102 -10.91 -6.42 10.43
CA LYS D 102 -11.75 -7.38 9.69
C LYS D 102 -12.79 -8.10 10.55
N GLN D 103 -12.44 -8.36 11.81
CA GLN D 103 -13.34 -9.06 12.70
C GLN D 103 -14.49 -8.21 13.22
N LYS D 104 -14.16 -7.06 13.80
CA LYS D 104 -15.18 -6.18 14.33
C LYS D 104 -16.12 -5.76 13.20
N ALA D 105 -15.60 -5.79 11.98
CA ALA D 105 -16.36 -5.42 10.79
C ALA D 105 -17.45 -6.45 10.57
N TYR D 106 -17.09 -7.72 10.68
CA TYR D 106 -18.04 -8.81 10.51
C TYR D 106 -19.27 -8.52 11.37
N LEU D 107 -19.02 -7.93 12.52
CA LEU D 107 -20.08 -7.59 13.47
C LEU D 107 -20.56 -6.14 13.33
N GLY D 108 -20.56 -5.65 12.08
CA GLY D 108 -21.00 -4.29 11.80
C GLY D 108 -20.39 -3.18 12.63
N GLU D 109 -19.10 -3.29 12.96
CA GLU D 109 -18.45 -2.24 13.73
C GLU D 109 -17.16 -1.80 13.04
N VAL D 110 -17.13 -0.54 12.60
CA VAL D 110 -15.95 -0.02 11.94
C VAL D 110 -14.92 0.46 12.96
N SER D 111 -13.75 -0.16 12.94
CA SER D 111 -12.68 0.18 13.85
C SER D 111 -11.32 0.14 13.17
N LEU D 112 -10.60 1.25 13.24
CA LEU D 112 -9.29 1.35 12.65
C LEU D 112 -8.39 0.38 13.39
N THR D 113 -7.56 -0.35 12.66
CA THR D 113 -6.67 -1.33 13.27
C THR D 113 -5.27 -1.32 12.71
N SER D 114 -4.31 -1.71 13.53
CA SER D 114 -2.90 -1.81 13.13
C SER D 114 -2.60 -3.29 12.93
N GLY D 115 -3.64 -4.12 13.08
CA GLY D 115 -3.51 -5.55 12.92
C GLY D 115 -3.00 -6.01 11.57
N GLY D 116 -2.51 -7.24 11.55
CA GLY D 116 -1.94 -7.82 10.34
C GLY D 116 -2.90 -8.26 9.24
N ASP D 117 -4.17 -8.48 9.56
CA ASP D 117 -5.11 -8.88 8.54
C ASP D 117 -6.37 -8.03 8.66
N PRO D 118 -6.34 -6.85 8.01
CA PRO D 118 -7.47 -5.92 8.04
C PRO D 118 -8.14 -5.81 6.68
N ILE D 119 -9.06 -4.86 6.59
CA ILE D 119 -9.77 -4.56 5.36
C ILE D 119 -9.16 -3.23 4.90
N ALA D 120 -8.42 -3.30 3.80
CA ALA D 120 -7.75 -2.13 3.25
C ALA D 120 -8.69 -1.25 2.42
N VAL D 121 -8.66 0.03 2.72
CA VAL D 121 -9.48 1.00 2.02
C VAL D 121 -8.63 2.14 1.46
N LYS D 122 -8.25 2.05 0.18
CA LYS D 122 -7.48 3.13 -0.43
C LYS D 122 -8.45 4.08 -1.12
N LEU D 123 -8.04 5.31 -1.30
CA LEU D 123 -8.87 6.32 -1.96
C LEU D 123 -7.92 7.23 -2.70
N ARG D 124 -8.01 7.27 -4.02
CA ARG D 124 -7.11 8.17 -4.72
C ARG D 124 -7.69 9.57 -4.70
N LEU D 125 -6.86 10.53 -4.30
CA LEU D 125 -7.28 11.92 -4.25
C LEU D 125 -6.50 12.61 -5.35
N VAL D 126 -7.17 13.46 -6.11
CA VAL D 126 -6.53 14.17 -7.20
C VAL D 126 -6.79 15.67 -7.04
N THR D 127 -5.76 16.47 -7.28
CA THR D 127 -5.89 17.91 -7.15
C THR D 127 -5.16 18.64 -8.27
N TYR D 128 -5.47 19.93 -8.44
CA TYR D 128 -4.77 20.74 -9.42
C TYR D 128 -4.27 22.02 -8.73
N PRO D 129 -2.94 22.17 -8.64
CA PRO D 129 -1.91 21.25 -9.13
C PRO D 129 -1.86 20.01 -8.25
N SER D 130 -1.13 18.99 -8.70
CA SER D 130 -0.98 17.76 -7.93
C SER D 130 0.19 17.98 -6.96
N LYS D 131 -0.12 18.50 -5.78
CA LYS D 131 0.88 18.80 -4.79
C LYS D 131 0.53 18.16 -3.47
N ARG D 132 1.55 17.70 -2.75
CA ARG D 132 1.35 17.10 -1.43
C ARG D 132 0.50 18.08 -0.65
N GLU D 133 0.86 19.35 -0.80
CA GLU D 133 0.18 20.44 -0.11
C GLU D 133 -1.29 20.52 -0.48
N LYS D 134 -1.57 20.70 -1.76
CA LYS D 134 -2.94 20.81 -2.19
C LYS D 134 -3.71 19.52 -1.82
N VAL D 135 -3.02 18.39 -1.87
CA VAL D 135 -3.60 17.09 -1.57
C VAL D 135 -4.01 16.90 -0.13
N ILE D 136 -3.09 17.19 0.78
CA ILE D 136 -3.33 17.05 2.21
C ILE D 136 -4.46 18.00 2.66
N GLU D 137 -4.49 19.19 2.05
CA GLU D 137 -5.53 20.18 2.33
C GLU D 137 -6.90 19.59 1.96
N PHE D 138 -6.96 18.95 0.80
CA PHE D 138 -8.18 18.34 0.33
C PHE D 138 -8.63 17.21 1.25
N ALA D 139 -7.69 16.31 1.58
CA ALA D 139 -7.98 15.19 2.46
C ALA D 139 -8.48 15.71 3.78
N ARG D 140 -7.85 16.75 4.29
CA ARG D 140 -8.28 17.32 5.54
C ARG D 140 -9.74 17.81 5.44
N GLU D 141 -10.16 18.17 4.22
CA GLU D 141 -11.54 18.64 3.99
C GLU D 141 -12.47 17.44 4.05
N LEU D 142 -12.13 16.41 3.29
CA LEU D 142 -12.91 15.18 3.24
C LEU D 142 -13.38 14.70 4.61
N CYS D 143 -12.66 15.10 5.64
CA CYS D 143 -13.03 14.73 6.98
C CYS D 143 -14.05 15.78 7.47
N THR D 144 -15.06 15.99 6.61
CA THR D 144 -16.15 16.94 6.79
C THR D 144 -16.78 16.88 8.19
#